data_1ESV
#
_entry.id   1ESV
#
_cell.length_a   56.750
_cell.length_b   69.250
_cell.length_c   182.910
_cell.angle_alpha   90.00
_cell.angle_beta   90.00
_cell.angle_gamma   90.00
#
_symmetry.space_group_name_H-M   'P 21 21 21'
#
loop_
_entity.id
_entity.type
_entity.pdbx_description
1 polymer GELSOLIN
2 polymer 'ALPHA ACTIN'
3 non-polymer 'CALCIUM ION'
4 non-polymer "ADENOSINE-5'-TRIPHOSPHATE"
5 non-polymer 'LATRUNCULIN A'
6 water water
#
loop_
_entity_poly.entity_id
_entity_poly.type
_entity_poly.pdbx_seq_one_letter_code
_entity_poly.pdbx_strand_id
1 'polypeptide(L)'
;MVVEHPEFLKAGKEPGLQIWRVEKFDLVPVPTCLYGDFFTGDAYVILKTVQLRNGNLQYDLHYWLGNECSQDESGAAAIF
TVQLDDYLNGRAVQHREVQGFESATFLGYFKSGLKYKKGGVASGF
;
S
2 'polypeptide(L)'
;MCDEDETTALVCDNGSGLVKAGFAGDDAPRAVFPSIVGRPRHQGVMVGMGQKDSYVGDEAQSKRGILTLKYPIE(HIC)G
IITNWDDMEKIWHHTFYNELRVAPEEHPTLLTEAPLNPKANREKMTQIMFETFNVPAMYVAIQAVLSLYASGRTTGIVLD
SGDGVTHNVPIYEGYALPHAIMRLDLAGRDLTDYLMKILTERGYSFVTTAEREIVRDIKEKLCYVALDFENEMATAASSS
SLEKSYELPDGQVITIGNERFRCPETLFQPSFIGMESAGIHETTYNSIMKCDIDIRKDLYANNVMSGGTTMYPGIADRMQ
KEITALAPSTMKIKIIAPPERKYSVWIGGSILASLSTFQQMWITKQEYDEAGPSIVHRKCF
;
A
#
# COMPACT_ATOMS: atom_id res chain seq x y z
N MET A 1 8.76 18.46 7.36
CA MET A 1 7.45 18.87 7.88
C MET A 1 7.42 20.37 8.16
N VAL A 2 6.55 20.79 9.07
CA VAL A 2 6.30 22.11 9.58
C VAL A 2 5.11 22.78 8.88
N VAL A 3 3.94 22.16 9.00
CA VAL A 3 2.77 22.66 8.30
C VAL A 3 2.51 24.13 8.63
N GLU A 4 1.88 24.82 7.69
CA GLU A 4 1.54 26.24 7.80
C GLU A 4 0.04 26.45 7.61
N HIS A 5 -0.67 25.32 7.58
CA HIS A 5 -2.12 25.30 7.42
C HIS A 5 -2.82 26.06 8.55
N PRO A 6 -3.56 27.07 8.14
CA PRO A 6 -4.27 27.96 9.05
C PRO A 6 -5.04 27.18 10.12
N GLU A 7 -5.55 26.00 9.75
CA GLU A 7 -6.37 25.28 10.74
C GLU A 7 -5.46 24.63 11.75
N PHE A 8 -4.24 24.34 11.27
CA PHE A 8 -3.30 23.70 12.20
C PHE A 8 -2.88 24.69 13.28
N LEU A 9 -2.68 25.94 12.88
CA LEU A 9 -2.33 27.00 13.81
C LEU A 9 -3.40 27.16 14.89
N LYS A 10 -4.65 26.87 14.53
CA LYS A 10 -5.71 27.01 15.55
C LYS A 10 -5.89 25.77 16.39
N ALA A 11 -5.36 24.63 15.94
CA ALA A 11 -5.67 23.36 16.59
C ALA A 11 -5.03 23.19 17.96
N GLY A 12 -5.85 22.88 18.96
CA GLY A 12 -5.36 22.47 20.25
C GLY A 12 -4.80 23.60 21.09
N LYS A 13 -5.30 24.82 20.96
CA LYS A 13 -4.69 25.89 21.77
C LYS A 13 -5.39 26.10 23.11
N GLU A 14 -6.63 25.64 23.24
CA GLU A 14 -7.34 25.75 24.52
C GLU A 14 -8.28 24.57 24.69
N PRO A 15 -8.64 24.28 25.93
CA PRO A 15 -9.48 23.11 26.19
C PRO A 15 -10.77 23.23 25.38
N GLY A 16 -11.30 22.07 24.96
CA GLY A 16 -12.49 22.07 24.14
C GLY A 16 -12.49 21.01 23.05
N LEU A 17 -13.32 21.24 22.06
CA LEU A 17 -13.65 20.30 20.99
C LEU A 17 -13.62 21.00 19.64
N GLN A 18 -12.80 20.46 18.74
CA GLN A 18 -12.63 21.05 17.43
C GLN A 18 -12.94 19.98 16.37
N ILE A 19 -13.72 20.36 15.36
CA ILE A 19 -14.18 19.40 14.39
C ILE A 19 -14.01 19.95 12.98
N TRP A 20 -13.29 19.16 12.20
CA TRP A 20 -13.05 19.45 10.80
C TRP A 20 -13.63 18.33 9.93
N ARG A 21 -14.01 18.76 8.74
CA ARG A 21 -14.51 17.88 7.71
C ARG A 21 -13.51 17.85 6.56
N VAL A 22 -13.22 16.67 6.03
CA VAL A 22 -12.38 16.57 4.84
C VAL A 22 -13.17 17.03 3.64
N GLU A 23 -12.69 18.04 2.94
CA GLU A 23 -13.34 18.50 1.72
C GLU A 23 -12.30 18.72 0.63
N LYS A 24 -12.35 17.86 -0.37
CA LYS A 24 -11.46 17.96 -1.52
C LYS A 24 -9.99 18.01 -1.11
N PHE A 25 -9.61 17.05 -0.28
CA PHE A 25 -8.23 16.90 0.13
C PHE A 25 -7.80 18.03 1.05
N ASP A 26 -8.75 18.72 1.65
CA ASP A 26 -8.44 19.81 2.57
C ASP A 26 -9.18 19.59 3.89
N LEU A 27 -8.69 20.21 4.96
CA LEU A 27 -9.28 20.14 6.30
C LEU A 27 -10.15 21.38 6.53
N VAL A 28 -11.46 21.26 6.50
CA VAL A 28 -12.31 22.46 6.54
C VAL A 28 -13.10 22.47 7.83
N PRO A 29 -13.00 23.59 8.55
CA PRO A 29 -13.66 23.73 9.85
C PRO A 29 -15.18 23.58 9.78
N VAL A 30 -15.74 22.85 10.75
CA VAL A 30 -17.19 22.70 10.78
C VAL A 30 -17.81 23.80 11.63
N PRO A 31 -18.91 24.40 11.19
CA PRO A 31 -19.56 25.41 12.04
C PRO A 31 -19.95 24.79 13.37
N THR A 32 -19.67 25.55 14.42
CA THR A 32 -19.80 25.02 15.78
C THR A 32 -21.24 24.69 16.11
N CYS A 33 -22.16 25.38 15.41
CA CYS A 33 -23.56 25.09 15.71
C CYS A 33 -23.90 23.65 15.27
N LEU A 34 -23.19 23.16 14.26
CA LEU A 34 -23.48 21.89 13.62
C LEU A 34 -22.74 20.72 14.23
N TYR A 35 -21.95 20.96 15.27
CA TYR A 35 -21.20 19.88 15.91
C TYR A 35 -22.15 18.76 16.31
N GLY A 36 -21.76 17.49 16.18
CA GLY A 36 -22.51 16.32 16.53
C GLY A 36 -23.36 15.69 15.46
N ASP A 37 -23.67 16.41 14.39
CA ASP A 37 -24.34 16.01 13.18
C ASP A 37 -23.34 15.64 12.10
N PHE A 38 -23.26 14.35 11.77
CA PHE A 38 -22.27 13.92 10.79
C PHE A 38 -22.91 13.37 9.54
N PHE A 39 -22.47 13.83 8.39
CA PHE A 39 -22.82 13.20 7.12
C PHE A 39 -22.21 11.82 6.92
N THR A 40 -23.05 10.79 6.73
CA THR A 40 -22.57 9.43 6.51
C THR A 40 -21.73 9.31 5.26
N GLY A 41 -21.82 10.29 4.37
CA GLY A 41 -21.00 10.23 3.17
C GLY A 41 -19.70 10.99 3.35
N ASP A 42 -19.37 11.39 4.59
CA ASP A 42 -18.14 12.19 4.68
C ASP A 42 -17.17 11.58 5.69
N ALA A 43 -15.97 12.14 5.77
CA ALA A 43 -15.03 11.78 6.83
C ALA A 43 -14.64 13.05 7.59
N TYR A 44 -14.45 12.92 8.90
CA TYR A 44 -14.19 14.12 9.70
C TYR A 44 -12.97 13.94 10.58
N VAL A 45 -12.36 15.01 11.07
CA VAL A 45 -11.28 14.81 12.06
C VAL A 45 -11.67 15.50 13.35
N ILE A 46 -11.59 14.80 14.49
CA ILE A 46 -12.01 15.49 15.72
C ILE A 46 -10.88 15.59 16.73
N LEU A 47 -10.60 16.80 17.23
CA LEU A 47 -9.65 16.96 18.31
C LEU A 47 -10.29 17.42 19.62
N LYS A 48 -10.26 16.61 20.65
CA LYS A 48 -10.62 16.90 22.01
C LYS A 48 -9.42 17.33 22.87
N THR A 49 -9.33 18.60 23.23
CA THR A 49 -8.28 19.10 24.12
C THR A 49 -8.77 19.33 25.55
N VAL A 50 -8.14 18.64 26.49
CA VAL A 50 -8.58 18.66 27.87
C VAL A 50 -7.50 19.26 28.76
N GLN A 51 -7.92 20.07 29.73
CA GLN A 51 -7.01 20.70 30.68
C GLN A 51 -6.39 19.65 31.59
N LEU A 52 -5.08 19.58 31.63
CA LEU A 52 -4.40 18.69 32.58
C LEU A 52 -4.11 19.49 33.85
N ARG A 53 -3.99 18.86 35.01
CA ARG A 53 -3.73 19.62 36.24
C ARG A 53 -2.36 20.29 36.18
N ASN A 54 -1.43 19.58 35.55
CA ASN A 54 -0.07 20.13 35.41
C ASN A 54 0.00 21.37 34.54
N GLY A 55 -1.10 21.92 34.02
CA GLY A 55 -1.05 23.11 33.19
C GLY A 55 -0.90 22.76 31.72
N ASN A 56 -0.39 21.57 31.34
CA ASN A 56 -0.32 21.38 29.88
C ASN A 56 -1.63 20.84 29.32
N LEU A 57 -1.67 20.48 28.05
CA LEU A 57 -2.96 20.03 27.50
C LEU A 57 -2.92 18.57 27.04
N GLN A 58 -4.04 17.86 27.16
CA GLN A 58 -4.24 16.50 26.69
C GLN A 58 -5.00 16.49 25.37
N TYR A 59 -4.52 15.73 24.39
CA TYR A 59 -5.18 15.71 23.09
C TYR A 59 -5.66 14.32 22.71
N ASP A 60 -6.90 14.19 22.24
CA ASP A 60 -7.32 12.96 21.58
C ASP A 60 -7.81 13.32 20.18
N LEU A 61 -7.21 12.67 19.18
CA LEU A 61 -7.58 12.89 17.81
C LEU A 61 -8.41 11.69 17.33
N HIS A 62 -9.59 11.96 16.80
CA HIS A 62 -10.44 10.91 16.24
C HIS A 62 -10.70 11.21 14.78
N TYR A 63 -10.52 10.22 13.90
CA TYR A 63 -10.91 10.41 12.50
C TYR A 63 -12.17 9.55 12.35
N TRP A 64 -13.26 10.20 11.94
CA TRP A 64 -14.55 9.51 11.92
C TRP A 64 -14.90 9.24 10.46
N LEU A 65 -15.28 8.01 10.13
CA LEU A 65 -15.53 7.72 8.72
C LEU A 65 -16.97 7.28 8.52
N GLY A 66 -17.72 8.00 7.70
CA GLY A 66 -19.08 7.55 7.40
C GLY A 66 -19.06 6.35 6.45
N ASN A 67 -20.11 5.56 6.52
CA ASN A 67 -20.39 4.38 5.73
C ASN A 67 -20.18 4.58 4.24
N GLU A 68 -20.46 5.78 3.75
CA GLU A 68 -20.36 6.12 2.35
C GLU A 68 -19.27 7.12 2.02
N CYS A 69 -18.30 7.36 2.92
CA CYS A 69 -17.29 8.33 2.46
C CYS A 69 -16.40 7.62 1.43
N SER A 70 -15.80 8.44 0.58
CA SER A 70 -14.98 7.91 -0.50
C SER A 70 -13.55 7.69 0.01
N GLN A 71 -12.79 6.87 -0.70
CA GLN A 71 -11.46 6.44 -0.26
C GLN A 71 -10.53 7.63 -0.11
N ASP A 72 -10.65 8.65 -0.95
CA ASP A 72 -9.79 9.83 -0.76
C ASP A 72 -10.07 10.50 0.59
N GLU A 73 -11.30 10.41 1.06
CA GLU A 73 -11.70 11.12 2.27
C GLU A 73 -11.25 10.39 3.52
N SER A 74 -11.43 9.07 3.55
CA SER A 74 -10.98 8.28 4.69
C SER A 74 -9.44 8.27 4.76
N GLY A 75 -8.79 8.15 3.61
CA GLY A 75 -7.34 8.24 3.47
C GLY A 75 -6.81 9.56 3.99
N ALA A 76 -7.38 10.67 3.52
CA ALA A 76 -7.03 12.02 3.93
C ALA A 76 -7.19 12.19 5.43
N ALA A 77 -8.28 11.67 5.96
CA ALA A 77 -8.59 11.87 7.37
C ALA A 77 -7.56 11.15 8.25
N ALA A 78 -7.20 9.94 7.81
CA ALA A 78 -6.17 9.18 8.50
C ALA A 78 -4.86 9.97 8.39
N ILE A 79 -4.48 10.42 7.19
CA ILE A 79 -3.21 11.16 7.07
C ILE A 79 -3.20 12.45 7.88
N PHE A 80 -4.26 13.24 7.82
CA PHE A 80 -4.43 14.50 8.53
C PHE A 80 -4.26 14.28 10.03
N THR A 81 -4.70 13.08 10.43
CA THR A 81 -4.60 12.72 11.84
C THR A 81 -3.15 12.50 12.24
N VAL A 82 -2.38 11.80 11.43
CA VAL A 82 -0.95 11.67 11.72
C VAL A 82 -0.26 13.03 11.77
N GLN A 83 -0.52 13.88 10.79
CA GLN A 83 0.13 15.18 10.70
C GLN A 83 -0.17 16.10 11.87
N LEU A 84 -1.44 16.15 12.28
CA LEU A 84 -1.87 16.94 13.41
C LEU A 84 -1.19 16.45 14.68
N ASP A 85 -1.06 15.14 14.84
CA ASP A 85 -0.41 14.54 16.00
C ASP A 85 1.06 14.94 16.10
N ASP A 86 1.73 14.86 14.96
CA ASP A 86 3.11 15.23 14.75
C ASP A 86 3.29 16.70 15.13
N TYR A 87 2.36 17.50 14.62
CA TYR A 87 2.34 18.94 14.74
C TYR A 87 2.27 19.34 16.23
N LEU A 88 1.52 18.57 16.97
CA LEU A 88 1.28 18.65 18.39
C LEU A 88 2.31 17.85 19.19
N ASN A 89 3.49 17.67 18.60
CA ASN A 89 4.60 17.03 19.30
C ASN A 89 4.35 15.58 19.67
N GLY A 90 3.54 14.86 18.89
CA GLY A 90 3.29 13.47 19.25
C GLY A 90 2.44 13.35 20.48
N ARG A 91 1.87 14.45 21.00
CA ARG A 91 1.16 14.24 22.28
C ARG A 91 -0.26 13.69 22.12
N ALA A 92 -0.76 13.54 20.90
CA ALA A 92 -2.16 13.15 20.72
C ALA A 92 -2.33 11.64 20.71
N VAL A 93 -3.46 11.16 21.20
CA VAL A 93 -3.88 9.77 21.07
C VAL A 93 -4.75 9.69 19.81
N GLN A 94 -4.47 8.77 18.91
CA GLN A 94 -5.17 8.69 17.62
C GLN A 94 -6.27 7.63 17.69
N HIS A 95 -7.45 7.96 17.20
CA HIS A 95 -8.54 6.99 17.28
C HIS A 95 -9.27 6.86 15.94
N ARG A 96 -9.45 5.64 15.45
CA ARG A 96 -10.21 5.39 14.24
C ARG A 96 -11.66 5.16 14.64
N GLU A 97 -12.56 6.00 14.16
CA GLU A 97 -13.96 5.87 14.57
C GLU A 97 -14.84 5.53 13.38
N VAL A 98 -15.47 4.35 13.34
CA VAL A 98 -16.30 4.05 12.18
C VAL A 98 -17.78 4.25 12.52
N GLN A 99 -18.54 4.85 11.63
CA GLN A 99 -19.97 5.04 11.77
C GLN A 99 -20.61 3.78 12.33
N GLY A 100 -21.37 3.91 13.42
CA GLY A 100 -21.94 2.75 14.06
C GLY A 100 -21.01 1.99 14.96
N PHE A 101 -19.70 2.28 15.00
CA PHE A 101 -18.84 1.53 15.92
C PHE A 101 -17.94 2.45 16.75
N GLU A 102 -18.36 3.69 16.98
CA GLU A 102 -17.56 4.66 17.72
C GLU A 102 -17.36 4.30 19.20
N SER A 103 -16.16 4.62 19.69
CA SER A 103 -15.79 4.38 21.08
C SER A 103 -16.72 5.13 22.03
N ALA A 104 -16.91 4.60 23.23
CA ALA A 104 -17.75 5.29 24.21
C ALA A 104 -17.24 6.70 24.49
N THR A 105 -15.91 6.83 24.39
CA THR A 105 -15.25 8.08 24.70
C THR A 105 -15.66 9.14 23.71
N PHE A 106 -15.64 8.73 22.44
CA PHE A 106 -15.98 9.68 21.40
C PHE A 106 -17.44 10.10 21.49
N LEU A 107 -18.29 9.09 21.67
CA LEU A 107 -19.74 9.31 21.84
C LEU A 107 -20.00 10.27 23.00
N GLY A 108 -19.23 10.12 24.09
CA GLY A 108 -19.41 11.00 25.23
C GLY A 108 -19.11 12.44 24.92
N TYR A 109 -18.53 12.79 23.77
CA TYR A 109 -18.19 14.18 23.53
C TYR A 109 -19.40 15.04 23.16
N PHE A 110 -20.49 14.40 22.81
CA PHE A 110 -21.63 15.12 22.25
C PHE A 110 -22.79 15.14 23.25
N LYS A 111 -23.06 16.31 23.79
CA LYS A 111 -24.05 16.46 24.85
C LYS A 111 -25.43 15.96 24.39
N SER A 112 -25.94 16.53 23.33
CA SER A 112 -27.22 16.25 22.71
C SER A 112 -27.30 14.94 21.95
N GLY A 113 -26.36 14.02 22.14
CA GLY A 113 -26.41 12.78 21.37
C GLY A 113 -25.94 12.98 19.95
N LEU A 114 -25.02 12.14 19.50
CA LEU A 114 -24.48 12.27 18.13
C LEU A 114 -25.52 11.85 17.10
N LYS A 115 -25.55 12.51 15.95
CA LYS A 115 -26.54 12.24 14.91
C LYS A 115 -25.97 12.04 13.50
N TYR A 116 -26.46 11.01 12.81
CA TYR A 116 -26.12 10.71 11.42
C TYR A 116 -27.09 11.34 10.42
N LYS A 117 -26.58 11.93 9.34
CA LYS A 117 -27.46 12.40 8.28
C LYS A 117 -26.89 11.97 6.92
N LYS A 118 -27.79 11.67 6.00
CA LYS A 118 -27.50 11.13 4.69
C LYS A 118 -26.94 12.20 3.76
N GLY A 119 -25.89 11.86 3.02
CA GLY A 119 -25.26 12.83 2.14
C GLY A 119 -23.82 13.13 2.53
N GLY A 120 -23.29 14.13 1.85
CA GLY A 120 -21.99 14.71 2.17
C GLY A 120 -21.35 15.29 0.94
N VAL A 121 -20.08 15.68 1.06
CA VAL A 121 -19.39 16.30 -0.07
C VAL A 121 -18.87 15.27 -1.07
N ALA A 122 -18.64 15.72 -2.30
CA ALA A 122 -18.12 14.90 -3.37
C ALA A 122 -16.62 14.61 -3.20
N SER A 123 -16.25 13.39 -3.58
CA SER A 123 -14.89 12.90 -3.67
C SER A 123 -13.98 13.94 -4.30
N GLY A 124 -12.81 14.23 -3.73
CA GLY A 124 -11.88 15.14 -4.39
C GLY A 124 -11.15 14.48 -5.54
N PHE A 125 -11.25 13.16 -5.73
CA PHE A 125 -10.53 12.55 -6.85
C PHE A 125 -11.03 13.09 -8.18
N THR B 8 0.93 20.08 -11.18
CA THR B 8 0.38 18.79 -10.76
C THR B 8 1.54 17.89 -10.33
N ALA B 9 1.41 17.29 -9.14
CA ALA B 9 2.37 16.30 -8.68
C ALA B 9 2.10 14.95 -9.36
N LEU B 10 3.22 14.26 -9.50
CA LEU B 10 3.28 12.94 -10.09
C LEU B 10 3.46 11.91 -8.99
N VAL B 11 2.95 10.72 -9.22
CA VAL B 11 3.10 9.65 -8.26
C VAL B 11 3.66 8.45 -9.02
N CYS B 12 4.76 7.91 -8.51
CA CYS B 12 5.42 6.80 -9.20
C CYS B 12 5.72 5.70 -8.21
N ASP B 13 5.10 4.54 -8.43
CA ASP B 13 5.33 3.36 -7.62
C ASP B 13 6.10 2.33 -8.44
N ASN B 14 7.41 2.24 -8.19
CA ASN B 14 8.26 1.33 -8.94
C ASN B 14 8.32 -0.04 -8.33
N GLY B 15 7.85 -1.05 -9.06
CA GLY B 15 7.93 -2.40 -8.52
C GLY B 15 8.95 -3.27 -9.23
N SER B 16 9.17 -4.46 -8.67
CA SER B 16 10.01 -5.49 -9.29
C SER B 16 9.48 -5.83 -10.68
N GLY B 17 8.16 -5.92 -10.84
CA GLY B 17 7.60 -6.34 -12.12
C GLY B 17 6.94 -5.24 -12.87
N LEU B 18 6.08 -4.47 -12.19
CA LEU B 18 5.36 -3.40 -12.82
C LEU B 18 5.68 -2.02 -12.22
N VAL B 19 5.72 -1.06 -13.11
CA VAL B 19 5.71 0.37 -12.85
C VAL B 19 4.26 0.84 -12.83
N LYS B 20 3.89 1.57 -11.80
CA LYS B 20 2.54 2.12 -11.67
C LYS B 20 2.69 3.63 -11.59
N ALA B 21 2.32 4.37 -12.63
CA ALA B 21 2.64 5.79 -12.64
C ALA B 21 1.45 6.66 -13.01
N GLY B 22 1.46 7.93 -12.62
CA GLY B 22 0.30 8.78 -12.81
C GLY B 22 0.31 10.11 -12.09
N PHE B 23 -0.87 10.74 -12.05
CA PHE B 23 -1.06 12.05 -11.44
C PHE B 23 -1.71 11.96 -10.07
N ALA B 24 -1.18 12.76 -9.17
CA ALA B 24 -1.68 12.96 -7.82
C ALA B 24 -3.09 13.51 -7.92
N GLY B 25 -4.09 12.96 -7.25
CA GLY B 25 -5.40 13.58 -7.51
C GLY B 25 -6.25 12.59 -8.30
N ASP B 26 -5.63 11.84 -9.22
CA ASP B 26 -6.33 10.78 -9.93
C ASP B 26 -6.61 9.60 -9.00
N ASP B 27 -7.65 8.85 -9.36
CA ASP B 27 -8.07 7.77 -8.48
C ASP B 27 -7.35 6.47 -8.84
N ALA B 28 -6.55 6.51 -9.89
CA ALA B 28 -5.83 5.34 -10.36
C ALA B 28 -4.65 5.74 -11.24
N PRO B 29 -3.68 4.85 -11.34
CA PRO B 29 -2.53 5.13 -12.20
C PRO B 29 -2.87 5.18 -13.67
N ARG B 30 -2.51 6.26 -14.37
CA ARG B 30 -2.79 6.33 -15.80
C ARG B 30 -1.91 5.36 -16.59
N ALA B 31 -0.84 4.89 -15.97
CA ALA B 31 0.19 4.11 -16.64
C ALA B 31 0.68 2.98 -15.75
N VAL B 32 0.53 1.78 -16.27
CA VAL B 32 1.00 0.56 -15.64
C VAL B 32 1.74 -0.27 -16.68
N PHE B 33 3.00 -0.58 -16.42
CA PHE B 33 3.77 -1.22 -17.51
C PHE B 33 4.90 -2.04 -16.91
N PRO B 34 5.44 -2.97 -17.68
CA PRO B 34 6.48 -3.86 -17.18
C PRO B 34 7.74 -3.08 -16.84
N SER B 35 8.27 -3.40 -15.66
CA SER B 35 9.53 -2.81 -15.20
C SER B 35 10.68 -3.60 -15.81
N ILE B 36 10.93 -3.36 -17.10
CA ILE B 36 11.96 -4.10 -17.81
C ILE B 36 12.67 -3.17 -18.79
N VAL B 37 13.99 -3.34 -18.87
CA VAL B 37 14.78 -2.62 -19.86
C VAL B 37 15.49 -3.59 -20.80
N GLY B 38 15.31 -3.34 -22.10
CA GLY B 38 15.96 -4.15 -23.12
C GLY B 38 17.12 -3.41 -23.78
N ARG B 39 18.25 -4.10 -23.85
CA ARG B 39 19.44 -3.58 -24.55
C ARG B 39 19.94 -4.55 -25.62
N PRO B 40 20.33 -4.00 -26.75
CA PRO B 40 20.83 -4.73 -27.92
C PRO B 40 21.66 -5.97 -27.62
N ARG B 41 21.22 -7.05 -28.25
CA ARG B 41 21.73 -8.41 -28.23
C ARG B 41 23.15 -8.47 -28.73
N ASP B 53 19.68 3.41 -26.95
CA ASP B 53 20.49 2.23 -26.69
C ASP B 53 19.67 1.14 -26.01
N SER B 54 18.41 1.44 -25.71
CA SER B 54 17.55 0.45 -25.09
C SER B 54 16.07 0.81 -25.15
N TYR B 55 15.24 -0.19 -24.91
CA TYR B 55 13.79 -0.04 -24.92
C TYR B 55 13.20 -0.44 -23.56
N VAL B 56 12.11 0.22 -23.22
CA VAL B 56 11.45 0.25 -21.94
C VAL B 56 10.06 -0.34 -21.96
N GLY B 57 9.79 -1.22 -21.01
CA GLY B 57 8.51 -1.83 -20.78
C GLY B 57 7.81 -2.35 -22.01
N ASP B 58 6.56 -1.94 -22.20
CA ASP B 58 5.67 -2.37 -23.28
C ASP B 58 6.24 -2.00 -24.65
N GLU B 59 7.10 -2.87 -25.16
CA GLU B 59 7.82 -2.76 -26.40
C GLU B 59 9.10 -3.60 -26.34
N ALA B 60 9.71 -3.64 -25.15
CA ALA B 60 10.93 -4.43 -24.94
C ALA B 60 10.62 -5.91 -25.00
N GLN B 61 9.41 -6.31 -24.61
CA GLN B 61 9.06 -7.72 -24.77
C GLN B 61 8.86 -8.01 -26.25
N SER B 62 8.46 -6.96 -26.97
CA SER B 62 8.29 -6.98 -28.41
C SER B 62 9.61 -7.26 -29.11
N LYS B 63 10.53 -6.30 -29.05
CA LYS B 63 11.84 -6.42 -29.67
C LYS B 63 12.75 -7.39 -28.91
N ARG B 64 12.18 -8.27 -28.10
CA ARG B 64 12.98 -9.17 -27.27
C ARG B 64 13.83 -10.17 -28.05
N GLY B 65 13.73 -10.18 -29.37
CA GLY B 65 14.52 -11.01 -30.25
C GLY B 65 15.90 -10.43 -30.53
N ILE B 66 15.96 -9.11 -30.69
CA ILE B 66 17.20 -8.37 -30.85
C ILE B 66 17.83 -8.05 -29.50
N LEU B 67 17.03 -7.69 -28.50
CA LEU B 67 17.65 -7.12 -27.31
C LEU B 67 17.40 -7.92 -26.04
N THR B 68 18.49 -8.10 -25.29
CA THR B 68 18.44 -8.69 -23.96
C THR B 68 17.60 -7.80 -23.05
N LEU B 69 16.81 -8.43 -22.21
CA LEU B 69 15.94 -7.67 -21.30
C LEU B 69 16.34 -7.95 -19.87
N LYS B 70 16.28 -6.93 -19.01
CA LYS B 70 16.60 -7.15 -17.60
C LYS B 70 15.64 -6.33 -16.73
N TYR B 71 15.40 -6.82 -15.54
CA TYR B 71 14.59 -6.20 -14.49
C TYR B 71 15.44 -5.31 -13.59
N PRO B 72 15.47 -4.00 -13.70
CA PRO B 72 16.37 -3.18 -12.85
C PRO B 72 16.09 -3.33 -11.37
N ILE B 73 14.88 -3.65 -10.96
CA ILE B 73 14.51 -3.82 -9.56
C ILE B 73 14.39 -5.28 -9.18
N GLU B 74 15.08 -5.69 -8.12
CA GLU B 74 14.99 -7.07 -7.67
C GLU B 74 14.53 -7.11 -6.21
N GLY B 76 12.21 -5.72 -4.83
CA GLY B 76 11.76 -4.41 -4.45
C GLY B 76 12.89 -3.40 -4.37
N ILE B 77 14.13 -3.86 -4.47
CA ILE B 77 15.26 -2.94 -4.40
C ILE B 77 15.84 -2.62 -5.77
N ILE B 78 16.27 -1.37 -5.93
CA ILE B 78 16.86 -0.99 -7.21
C ILE B 78 18.25 -1.61 -7.31
N THR B 79 18.52 -2.31 -8.39
CA THR B 79 19.76 -3.06 -8.50
C THR B 79 20.55 -2.72 -9.75
N ASN B 80 19.86 -2.19 -10.76
CA ASN B 80 20.60 -1.69 -11.92
C ASN B 80 20.28 -0.22 -12.14
N TRP B 81 21.19 0.64 -11.65
CA TRP B 81 20.93 2.08 -11.69
C TRP B 81 20.78 2.60 -13.10
N ASP B 82 21.65 2.13 -13.98
CA ASP B 82 21.69 2.58 -15.36
C ASP B 82 20.32 2.33 -16.01
N ASP B 83 19.85 1.09 -15.87
CA ASP B 83 18.54 0.80 -16.46
C ASP B 83 17.42 1.46 -15.68
N MET B 84 17.60 1.58 -14.36
CA MET B 84 16.52 2.18 -13.59
C MET B 84 16.33 3.61 -14.07
N GLU B 85 17.49 4.21 -14.40
CA GLU B 85 17.41 5.56 -14.96
C GLU B 85 16.63 5.52 -16.26
N LYS B 86 16.62 4.38 -16.96
CA LYS B 86 15.87 4.31 -18.21
C LYS B 86 14.37 4.23 -17.94
N ILE B 87 14.02 3.46 -16.92
CA ILE B 87 12.64 3.27 -16.50
C ILE B 87 11.98 4.62 -16.26
N TRP B 88 12.69 5.47 -15.52
CA TRP B 88 12.13 6.77 -15.15
C TRP B 88 11.96 7.68 -16.36
N HIS B 89 12.95 7.66 -17.25
CA HIS B 89 12.92 8.51 -18.42
C HIS B 89 11.66 8.23 -19.24
N HIS B 90 11.40 6.96 -19.52
CA HIS B 90 10.27 6.43 -20.23
C HIS B 90 8.97 6.78 -19.52
N THR B 91 9.07 6.72 -18.19
CA THR B 91 7.90 7.03 -17.37
C THR B 91 7.46 8.46 -17.63
N PHE B 92 8.37 9.40 -17.47
CA PHE B 92 8.03 10.82 -17.60
C PHE B 92 7.66 11.16 -19.04
N TYR B 93 8.47 10.61 -19.96
CA TYR B 93 8.44 11.02 -21.35
C TYR B 93 7.52 10.21 -22.24
N ASN B 94 7.53 8.89 -22.16
CA ASN B 94 6.66 8.12 -23.07
C ASN B 94 5.34 7.74 -22.46
N GLU B 95 5.31 7.55 -21.13
CA GLU B 95 4.06 7.13 -20.52
C GLU B 95 3.22 8.29 -20.00
N LEU B 96 3.83 9.19 -19.26
CA LEU B 96 3.14 10.28 -18.59
C LEU B 96 3.03 11.52 -19.46
N ARG B 97 3.96 11.61 -20.41
CA ARG B 97 4.10 12.73 -21.34
C ARG B 97 4.21 14.07 -20.62
N VAL B 98 5.17 14.18 -19.70
CA VAL B 98 5.41 15.41 -18.96
C VAL B 98 6.86 15.86 -19.02
N ALA B 99 7.06 17.16 -18.81
CA ALA B 99 8.40 17.71 -18.57
C ALA B 99 8.68 17.54 -17.08
N PRO B 100 9.59 16.65 -16.73
CA PRO B 100 9.74 16.27 -15.32
C PRO B 100 10.08 17.49 -14.47
N GLU B 101 10.76 18.46 -15.08
CA GLU B 101 11.27 19.62 -14.35
C GLU B 101 10.17 20.57 -13.91
N GLU B 102 8.91 20.25 -14.20
CA GLU B 102 7.86 21.15 -13.72
C GLU B 102 6.89 20.47 -12.76
N HIS B 103 7.14 19.21 -12.38
CA HIS B 103 6.23 18.57 -11.44
C HIS B 103 6.96 17.94 -10.24
N PRO B 104 6.51 18.34 -9.06
CA PRO B 104 6.96 17.68 -7.82
C PRO B 104 6.71 16.20 -8.01
N THR B 105 7.68 15.37 -7.67
CA THR B 105 7.47 13.95 -7.99
C THR B 105 7.53 13.10 -6.74
N LEU B 106 6.47 12.33 -6.49
CA LEU B 106 6.47 11.40 -5.38
C LEU B 106 6.82 9.99 -5.86
N LEU B 107 7.81 9.38 -5.21
CA LEU B 107 8.17 7.99 -5.52
C LEU B 107 7.97 7.09 -4.31
N THR B 108 8.05 5.77 -4.51
CA THR B 108 7.85 4.83 -3.42
C THR B 108 9.09 3.98 -3.24
N GLU B 109 9.23 3.36 -2.07
CA GLU B 109 10.41 2.53 -1.80
C GLU B 109 10.00 1.38 -0.93
N ALA B 110 10.81 0.31 -0.94
CA ALA B 110 10.53 -0.79 -0.05
C ALA B 110 10.87 -0.41 1.39
N PRO B 111 10.22 -1.14 2.29
CA PRO B 111 10.58 -1.06 3.70
C PRO B 111 12.06 -1.47 3.82
N LEU B 112 12.85 -0.66 4.50
CA LEU B 112 14.25 -0.98 4.73
C LEU B 112 15.13 -0.82 3.49
N ASN B 113 14.77 0.03 2.56
CA ASN B 113 15.66 0.39 1.44
C ASN B 113 16.98 0.92 1.98
N PRO B 114 18.14 0.39 1.60
CA PRO B 114 19.41 0.92 2.09
C PRO B 114 19.55 2.43 1.93
N LYS B 115 20.19 3.05 2.92
CA LYS B 115 20.43 4.49 2.94
C LYS B 115 20.96 5.07 1.64
N ALA B 116 21.97 4.44 1.05
CA ALA B 116 22.56 4.85 -0.21
C ALA B 116 21.61 4.79 -1.40
N ASN B 117 20.65 3.86 -1.39
CA ASN B 117 19.69 3.80 -2.49
C ASN B 117 18.82 5.06 -2.49
N ARG B 118 18.36 5.40 -1.28
CA ARG B 118 17.48 6.54 -1.09
C ARG B 118 18.19 7.84 -1.48
N GLU B 119 19.48 7.91 -1.18
CA GLU B 119 20.19 9.12 -1.60
C GLU B 119 20.41 9.08 -3.11
N LYS B 120 20.76 7.90 -3.62
CA LYS B 120 20.94 7.85 -5.09
C LYS B 120 19.66 8.18 -5.82
N MET B 121 18.52 7.68 -5.32
CA MET B 121 17.26 8.01 -6.02
C MET B 121 17.00 9.50 -5.96
N THR B 122 17.28 10.16 -4.83
CA THR B 122 17.05 11.60 -4.74
C THR B 122 17.99 12.39 -5.63
N GLN B 123 19.26 11.98 -5.72
CA GLN B 123 20.21 12.72 -6.55
C GLN B 123 19.87 12.73 -8.04
N ILE B 124 19.56 11.55 -8.57
CA ILE B 124 19.11 11.32 -9.93
C ILE B 124 17.89 12.18 -10.26
N MET B 125 16.87 12.13 -9.40
CA MET B 125 15.69 12.96 -9.61
C MET B 125 16.01 14.44 -9.68
N PHE B 126 16.89 14.97 -8.81
CA PHE B 126 17.17 16.42 -8.90
C PHE B 126 18.27 16.76 -9.91
N GLU B 127 19.22 15.85 -10.14
CA GLU B 127 20.33 16.14 -11.05
C GLU B 127 20.04 15.71 -12.47
N THR B 128 19.67 14.45 -12.70
CA THR B 128 19.37 14.09 -14.10
C THR B 128 17.94 14.40 -14.51
N PHE B 129 16.97 14.65 -13.62
CA PHE B 129 15.63 14.96 -14.14
C PHE B 129 15.20 16.36 -13.77
N ASN B 130 15.95 17.05 -12.91
CA ASN B 130 15.64 18.45 -12.64
C ASN B 130 14.29 18.65 -11.99
N VAL B 131 13.78 17.67 -11.26
CA VAL B 131 12.46 17.87 -10.64
C VAL B 131 12.51 19.06 -9.70
N PRO B 132 11.42 19.80 -9.58
CA PRO B 132 11.43 20.99 -8.72
C PRO B 132 11.26 20.60 -7.26
N ALA B 133 10.65 19.43 -7.04
CA ALA B 133 10.40 18.92 -5.70
C ALA B 133 10.26 17.40 -5.74
N MET B 134 10.56 16.79 -4.59
CA MET B 134 10.56 15.33 -4.55
C MET B 134 10.35 14.78 -3.14
N TYR B 135 9.83 13.56 -3.05
CA TYR B 135 9.52 12.90 -1.79
C TYR B 135 9.53 11.41 -2.04
N VAL B 136 9.93 10.64 -1.05
CA VAL B 136 9.88 9.18 -1.10
C VAL B 136 9.14 8.62 0.11
N ALA B 137 8.13 7.80 -0.15
CA ALA B 137 7.40 7.12 0.93
C ALA B 137 7.48 5.60 0.79
N ILE B 138 7.37 4.94 1.93
CA ILE B 138 7.40 3.49 2.05
C ILE B 138 6.11 2.90 1.50
N GLN B 139 6.20 1.96 0.58
CA GLN B 139 5.05 1.41 -0.12
C GLN B 139 3.95 0.98 0.83
N ALA B 140 4.25 0.07 1.75
CA ALA B 140 3.25 -0.48 2.66
C ALA B 140 2.50 0.55 3.51
N VAL B 141 3.18 1.66 3.81
CA VAL B 141 2.58 2.66 4.69
C VAL B 141 1.50 3.40 3.88
N LEU B 142 1.81 3.59 2.61
CA LEU B 142 0.86 4.16 1.67
C LEU B 142 -0.37 3.27 1.56
N SER B 143 -0.19 1.94 1.59
CA SER B 143 -1.36 1.07 1.46
C SER B 143 -2.21 1.16 2.71
N LEU B 144 -1.52 1.37 3.84
CA LEU B 144 -2.27 1.47 5.08
C LEU B 144 -3.14 2.74 5.03
N TYR B 145 -2.58 3.84 4.60
CA TYR B 145 -3.24 5.13 4.48
C TYR B 145 -4.46 5.06 3.54
N ALA B 146 -4.29 4.39 2.41
CA ALA B 146 -5.33 4.24 1.39
C ALA B 146 -6.51 3.45 1.96
N SER B 147 -6.24 2.62 2.95
CA SER B 147 -7.31 1.88 3.63
C SER B 147 -7.92 2.68 4.77
N GLY B 148 -7.60 3.97 4.80
CA GLY B 148 -8.19 4.80 5.86
C GLY B 148 -7.71 4.43 7.24
N ARG B 149 -6.43 4.13 7.43
CA ARG B 149 -5.99 3.71 8.77
C ARG B 149 -4.63 4.32 9.12
N THR B 150 -4.30 4.49 10.40
CA THR B 150 -2.99 5.01 10.78
C THR B 150 -2.19 3.89 11.44
N THR B 151 -2.89 2.88 11.91
CA THR B 151 -2.37 1.75 12.65
C THR B 151 -2.82 0.40 12.09
N GLY B 152 -1.86 -0.50 11.90
CA GLY B 152 -2.12 -1.87 11.50
C GLY B 152 -0.87 -2.53 10.96
N ILE B 153 -0.99 -3.80 10.55
CA ILE B 153 0.13 -4.46 9.89
C ILE B 153 -0.21 -4.78 8.43
N VAL B 154 0.64 -4.34 7.53
CA VAL B 154 0.50 -4.57 6.11
C VAL B 154 1.21 -5.83 5.62
N LEU B 155 0.46 -6.66 4.91
CA LEU B 155 1.10 -7.73 4.13
C LEU B 155 1.20 -7.24 2.68
N ASP B 156 2.41 -6.91 2.24
CA ASP B 156 2.62 -6.44 0.88
C ASP B 156 3.35 -7.50 0.08
N SER B 157 2.73 -7.96 -1.00
CA SER B 157 3.29 -9.09 -1.75
C SER B 157 3.12 -8.85 -3.23
N GLY B 158 4.20 -8.53 -3.93
CA GLY B 158 4.07 -8.20 -5.34
C GLY B 158 4.56 -9.32 -6.24
N ASP B 159 5.40 -8.94 -7.21
CA ASP B 159 6.03 -9.85 -8.16
C ASP B 159 7.34 -10.43 -7.60
N GLY B 160 8.12 -9.58 -6.94
CA GLY B 160 9.43 -9.88 -6.44
C GLY B 160 9.66 -9.95 -4.96
N VAL B 161 8.82 -9.31 -4.14
CA VAL B 161 8.90 -9.49 -2.70
C VAL B 161 7.55 -9.47 -1.99
N THR B 162 7.61 -9.99 -0.78
CA THR B 162 6.61 -10.00 0.26
C THR B 162 7.19 -9.42 1.55
N HIS B 163 6.51 -8.43 2.14
CA HIS B 163 6.85 -7.86 3.42
C HIS B 163 5.67 -7.90 4.39
N ASN B 164 5.98 -8.07 5.66
CA ASN B 164 5.07 -7.78 6.75
C ASN B 164 5.51 -6.49 7.43
N VAL B 165 4.68 -5.47 7.38
CA VAL B 165 5.10 -4.18 7.93
C VAL B 165 4.15 -3.65 8.99
N PRO B 166 4.52 -3.75 10.25
CA PRO B 166 3.64 -3.23 11.31
C PRO B 166 3.82 -1.71 11.36
N ILE B 167 2.70 -1.04 11.56
CA ILE B 167 2.63 0.40 11.54
C ILE B 167 1.79 0.92 12.70
N TYR B 168 2.29 1.95 13.37
CA TYR B 168 1.68 2.47 14.58
C TYR B 168 1.59 4.00 14.52
N GLU B 169 0.36 4.47 14.65
CA GLU B 169 0.07 5.90 14.59
C GLU B 169 0.82 6.57 13.47
N GLY B 170 0.90 5.89 12.31
CA GLY B 170 1.39 6.55 11.12
C GLY B 170 2.77 6.15 10.68
N TYR B 171 3.56 5.49 11.53
CA TYR B 171 4.93 5.20 11.09
C TYR B 171 5.22 3.72 11.26
N ALA B 172 5.98 3.16 10.31
CA ALA B 172 6.35 1.75 10.38
C ALA B 172 7.28 1.48 11.57
N LEU B 173 7.24 0.26 12.07
CA LEU B 173 8.11 -0.14 13.18
C LEU B 173 9.21 -1.00 12.58
N PRO B 174 10.29 -0.32 12.25
CA PRO B 174 11.36 -0.93 11.44
C PRO B 174 11.91 -2.20 12.07
N HIS B 175 11.99 -2.28 13.38
CA HIS B 175 12.57 -3.47 14.01
C HIS B 175 11.72 -4.70 13.81
N ALA B 176 10.45 -4.52 13.44
CA ALA B 176 9.60 -5.70 13.45
C ALA B 176 9.23 -6.10 12.03
N ILE B 177 9.76 -5.40 11.03
CA ILE B 177 9.40 -5.70 9.64
C ILE B 177 9.95 -7.05 9.20
N MET B 178 9.12 -7.82 8.49
CA MET B 178 9.53 -9.08 7.88
C MET B 178 9.60 -8.97 6.35
N ARG B 179 10.71 -9.46 5.82
CA ARG B 179 10.93 -9.53 4.39
C ARG B 179 10.97 -10.98 3.93
N LEU B 180 10.37 -11.26 2.79
CA LEU B 180 10.37 -12.64 2.28
C LEU B 180 10.47 -12.61 0.77
N ASP B 181 11.55 -13.16 0.24
CA ASP B 181 11.82 -13.06 -1.19
C ASP B 181 10.94 -13.96 -2.04
N LEU B 182 9.97 -14.63 -1.44
CA LEU B 182 8.98 -15.42 -2.16
C LEU B 182 7.75 -14.59 -2.50
N ALA B 183 7.41 -14.47 -3.77
CA ALA B 183 6.23 -13.75 -4.24
C ALA B 183 5.79 -14.24 -5.61
N GLY B 184 5.22 -13.33 -6.39
CA GLY B 184 4.53 -13.49 -7.64
C GLY B 184 5.21 -14.32 -8.71
N ARG B 185 6.42 -13.95 -9.09
CA ARG B 185 7.18 -14.70 -10.09
C ARG B 185 7.44 -16.11 -9.61
N ASP B 186 7.87 -16.21 -8.35
CA ASP B 186 8.12 -17.52 -7.74
C ASP B 186 6.89 -18.41 -7.86
N LEU B 187 5.71 -17.80 -7.76
CA LEU B 187 4.50 -18.61 -7.83
C LEU B 187 4.20 -19.01 -9.28
N THR B 188 4.44 -18.12 -10.22
CA THR B 188 4.25 -18.42 -11.64
C THR B 188 5.09 -19.63 -12.02
N ASP B 189 6.39 -19.56 -11.76
CA ASP B 189 7.31 -20.67 -12.00
C ASP B 189 6.88 -22.00 -11.41
N TYR B 190 5.94 -22.06 -10.48
CA TYR B 190 5.63 -23.34 -9.84
C TYR B 190 4.32 -23.92 -10.38
N LEU B 191 3.37 -23.00 -10.63
CA LEU B 191 2.27 -23.39 -11.50
C LEU B 191 2.97 -23.97 -12.75
N MET B 192 3.61 -23.11 -13.50
CA MET B 192 4.50 -23.35 -14.63
C MET B 192 5.63 -24.32 -14.34
N LYS B 193 5.30 -25.50 -13.83
CA LYS B 193 6.24 -26.57 -13.55
C LYS B 193 5.44 -27.79 -13.06
N ILE B 194 4.36 -27.49 -12.37
CA ILE B 194 3.37 -28.42 -11.86
C ILE B 194 2.35 -28.76 -12.93
N LEU B 195 2.15 -27.82 -13.86
CA LEU B 195 1.25 -27.98 -14.99
C LEU B 195 1.81 -29.00 -15.97
N THR B 196 3.08 -28.81 -16.31
CA THR B 196 3.78 -29.73 -17.19
C THR B 196 3.80 -31.16 -16.64
N GLU B 197 3.75 -31.29 -15.32
CA GLU B 197 3.68 -32.58 -14.67
C GLU B 197 2.44 -33.34 -15.18
N ARG B 198 1.45 -32.57 -15.57
CA ARG B 198 0.22 -33.06 -16.16
C ARG B 198 0.45 -33.45 -17.62
N GLY B 199 1.42 -32.80 -18.25
CA GLY B 199 1.78 -33.12 -19.62
C GLY B 199 1.87 -31.92 -20.54
N TYR B 200 2.00 -30.73 -19.98
CA TYR B 200 2.06 -29.54 -20.83
C TYR B 200 3.48 -29.04 -21.00
N SER B 201 3.66 -28.06 -21.88
CA SER B 201 4.96 -27.43 -22.11
C SER B 201 5.35 -26.54 -20.94
N PHE B 202 5.54 -25.25 -21.23
CA PHE B 202 5.82 -24.22 -20.24
C PHE B 202 7.25 -24.26 -19.73
N VAL B 203 8.11 -23.46 -20.35
CA VAL B 203 9.53 -23.39 -20.04
C VAL B 203 10.24 -22.50 -21.07
N THR B 204 9.78 -21.27 -21.16
CA THR B 204 10.29 -20.25 -22.05
C THR B 204 10.02 -18.86 -21.47
N THR B 205 10.79 -17.85 -21.88
CA THR B 205 10.61 -16.49 -21.38
C THR B 205 9.46 -15.77 -22.09
N ALA B 206 8.50 -16.53 -22.58
CA ALA B 206 7.27 -16.18 -23.26
C ALA B 206 6.16 -17.13 -22.82
N GLU B 207 6.61 -18.28 -22.33
CA GLU B 207 5.76 -19.33 -21.79
C GLU B 207 5.28 -19.00 -20.38
N ARG B 208 6.17 -18.60 -19.45
CA ARG B 208 5.66 -18.30 -18.10
C ARG B 208 4.67 -17.12 -18.25
N GLU B 209 4.99 -16.26 -19.20
CA GLU B 209 4.12 -15.15 -19.59
C GLU B 209 2.69 -15.64 -19.82
N ILE B 210 2.50 -16.87 -20.29
CA ILE B 210 1.14 -17.36 -20.50
C ILE B 210 0.56 -17.93 -19.21
N VAL B 211 1.42 -18.64 -18.50
CA VAL B 211 1.09 -19.24 -17.21
C VAL B 211 0.81 -18.17 -16.16
N ARG B 212 1.54 -17.06 -16.19
CA ARG B 212 1.21 -16.00 -15.24
C ARG B 212 -0.20 -15.52 -15.55
N ASP B 213 -0.60 -15.61 -16.84
CA ASP B 213 -1.98 -15.21 -17.10
C ASP B 213 -2.94 -16.26 -16.57
N ILE B 214 -2.45 -17.49 -16.46
CA ILE B 214 -3.34 -18.56 -15.99
C ILE B 214 -3.48 -18.46 -14.47
N LYS B 215 -2.35 -18.26 -13.82
CA LYS B 215 -2.17 -17.82 -12.44
C LYS B 215 -3.26 -16.82 -12.03
N GLU B 216 -3.26 -15.66 -12.66
CA GLU B 216 -4.18 -14.56 -12.45
C GLU B 216 -5.64 -14.92 -12.68
N LYS B 217 -5.92 -15.85 -13.59
CA LYS B 217 -7.30 -16.16 -13.92
C LYS B 217 -7.86 -17.35 -13.15
N LEU B 218 -7.08 -18.41 -12.97
CA LEU B 218 -7.58 -19.67 -12.45
C LEU B 218 -7.25 -19.96 -11.00
N CYS B 219 -6.10 -19.49 -10.52
CA CYS B 219 -5.67 -19.82 -9.17
C CYS B 219 -6.54 -19.22 -8.07
N TYR B 220 -6.57 -19.93 -6.95
CA TYR B 220 -7.29 -19.51 -5.76
C TYR B 220 -6.69 -20.23 -4.55
N VAL B 221 -6.87 -19.63 -3.38
CA VAL B 221 -6.44 -20.19 -2.11
C VAL B 221 -7.60 -20.92 -1.42
N ALA B 222 -7.36 -22.17 -1.05
CA ALA B 222 -8.38 -22.99 -0.40
C ALA B 222 -8.34 -22.86 1.12
N LEU B 223 -9.51 -22.82 1.77
CA LEU B 223 -9.50 -22.64 3.22
C LEU B 223 -8.95 -23.88 3.91
N ASP B 224 -9.19 -25.05 3.34
CA ASP B 224 -8.61 -26.31 3.82
C ASP B 224 -7.95 -27.07 2.68
N PHE B 225 -6.63 -27.18 2.74
CA PHE B 225 -5.79 -27.86 1.77
C PHE B 225 -6.17 -29.32 1.57
N GLU B 226 -6.09 -30.09 2.66
CA GLU B 226 -6.50 -31.49 2.65
C GLU B 226 -7.87 -31.67 2.01
N ASN B 227 -8.92 -31.21 2.68
CA ASN B 227 -10.25 -31.36 2.08
C ASN B 227 -10.26 -30.82 0.65
N GLU B 228 -9.43 -29.82 0.36
CA GLU B 228 -9.36 -29.38 -1.03
C GLU B 228 -8.71 -30.49 -1.86
N MET B 229 -7.66 -31.09 -1.27
CA MET B 229 -7.07 -32.24 -1.94
C MET B 229 -8.14 -33.32 -2.09
N ALA B 230 -8.70 -33.74 -0.95
CA ALA B 230 -9.76 -34.74 -0.93
C ALA B 230 -11.01 -34.19 -1.61
N THR B 231 -10.93 -34.02 -2.92
CA THR B 231 -11.97 -33.43 -3.73
C THR B 231 -11.41 -33.10 -5.12
N ALA B 232 -10.10 -32.86 -5.13
CA ALA B 232 -9.36 -32.55 -6.35
C ALA B 232 -8.98 -33.82 -7.09
N ALA B 233 -8.27 -34.70 -6.39
CA ALA B 233 -7.98 -36.01 -6.98
C ALA B 233 -9.16 -36.93 -6.68
N SER B 234 -10.34 -36.49 -7.09
CA SER B 234 -11.57 -37.24 -6.85
C SER B 234 -12.82 -36.45 -7.23
N SER B 235 -12.75 -35.61 -8.25
CA SER B 235 -13.91 -34.81 -8.66
C SER B 235 -13.58 -33.83 -9.79
N SER B 236 -14.18 -34.08 -10.96
CA SER B 236 -14.00 -33.21 -12.11
C SER B 236 -14.90 -31.97 -12.01
N SER B 237 -14.84 -31.35 -10.84
CA SER B 237 -15.60 -30.15 -10.50
C SER B 237 -14.66 -29.02 -10.09
N LEU B 238 -13.58 -29.41 -9.42
CA LEU B 238 -12.57 -28.43 -9.03
C LEU B 238 -11.57 -28.25 -10.17
N GLU B 239 -12.09 -28.18 -11.38
CA GLU B 239 -11.27 -28.07 -12.58
C GLU B 239 -11.80 -27.01 -13.55
N LYS B 240 -10.89 -26.31 -14.21
CA LYS B 240 -11.29 -25.29 -15.18
C LYS B 240 -10.51 -25.44 -16.48
N SER B 241 -11.11 -25.04 -17.59
CA SER B 241 -10.48 -25.12 -18.91
C SER B 241 -9.98 -23.76 -19.38
N TYR B 242 -8.79 -23.72 -19.97
CA TYR B 242 -8.22 -22.43 -20.36
C TYR B 242 -7.79 -22.43 -21.82
N GLU B 243 -7.87 -21.27 -22.48
CA GLU B 243 -7.51 -21.26 -23.89
C GLU B 243 -6.15 -20.61 -24.13
N LEU B 244 -5.15 -21.43 -24.38
CA LEU B 244 -3.82 -20.93 -24.74
C LEU B 244 -3.93 -20.02 -25.96
N PRO B 245 -2.88 -19.30 -26.33
CA PRO B 245 -2.92 -18.49 -27.56
C PRO B 245 -2.89 -19.37 -28.79
N ASP B 246 -2.13 -20.47 -28.74
CA ASP B 246 -2.03 -21.41 -29.84
C ASP B 246 -3.43 -21.77 -30.36
N GLY B 247 -4.31 -22.01 -29.40
CA GLY B 247 -5.68 -22.39 -29.63
C GLY B 247 -6.07 -23.62 -28.82
N GLN B 248 -5.12 -24.56 -28.72
CA GLN B 248 -5.36 -25.78 -27.97
C GLN B 248 -5.89 -25.48 -26.57
N VAL B 249 -7.01 -26.13 -26.21
CA VAL B 249 -7.57 -25.97 -24.88
C VAL B 249 -6.89 -26.91 -23.88
N ILE B 250 -6.63 -26.41 -22.68
CA ILE B 250 -6.06 -27.15 -21.57
C ILE B 250 -6.93 -27.02 -20.32
N THR B 251 -6.92 -28.04 -19.48
CA THR B 251 -7.79 -28.03 -18.30
C THR B 251 -7.00 -27.84 -17.01
N ILE B 252 -6.97 -26.60 -16.53
CA ILE B 252 -6.27 -26.32 -15.28
C ILE B 252 -6.84 -27.21 -14.17
N GLY B 253 -5.93 -27.88 -13.50
CA GLY B 253 -6.15 -28.75 -12.35
C GLY B 253 -4.78 -29.15 -11.79
N ASN B 254 -4.56 -29.26 -10.51
CA ASN B 254 -5.42 -28.98 -9.38
C ASN B 254 -4.64 -27.87 -8.63
N GLU B 255 -3.70 -27.44 -9.46
CA GLU B 255 -2.70 -26.41 -9.24
C GLU B 255 -3.40 -25.11 -8.81
N ARG B 256 -4.61 -24.98 -9.30
CA ARG B 256 -5.58 -23.95 -8.97
C ARG B 256 -5.39 -23.51 -7.50
N PHE B 257 -5.33 -24.50 -6.62
CA PHE B 257 -5.24 -24.36 -5.18
C PHE B 257 -3.85 -24.69 -4.66
N ARG B 258 -2.98 -25.23 -5.52
CA ARG B 258 -1.67 -25.67 -5.09
C ARG B 258 -0.62 -24.58 -5.24
N CYS B 259 -0.70 -23.81 -6.33
CA CYS B 259 0.30 -22.78 -6.57
C CYS B 259 0.35 -21.77 -5.45
N PRO B 260 -0.73 -21.08 -5.09
CA PRO B 260 -0.62 -20.07 -4.02
C PRO B 260 -0.36 -20.73 -2.67
N GLU B 261 -0.55 -22.04 -2.55
CA GLU B 261 -0.34 -22.69 -1.26
C GLU B 261 1.10 -22.49 -0.77
N THR B 262 2.00 -22.29 -1.72
CA THR B 262 3.39 -21.97 -1.47
C THR B 262 3.56 -20.76 -0.55
N LEU B 263 2.57 -19.88 -0.55
CA LEU B 263 2.60 -18.69 0.29
C LEU B 263 2.54 -19.07 1.77
N PHE B 264 1.63 -19.99 2.07
CA PHE B 264 1.45 -20.59 3.38
C PHE B 264 2.46 -21.70 3.62
N GLN B 265 2.66 -22.60 2.66
CA GLN B 265 3.71 -23.60 2.87
C GLN B 265 4.81 -23.42 1.83
N PRO B 266 5.86 -22.70 2.24
CA PRO B 266 6.97 -22.34 1.36
C PRO B 266 7.87 -23.52 1.00
N SER B 267 7.64 -24.70 1.59
CA SER B 267 8.47 -25.83 1.20
C SER B 267 8.21 -26.23 -0.25
N PHE B 268 7.01 -25.97 -0.76
CA PHE B 268 6.59 -26.38 -2.09
C PHE B 268 7.57 -25.91 -3.17
N ILE B 269 8.23 -24.78 -2.93
CA ILE B 269 9.23 -24.23 -3.82
C ILE B 269 10.63 -24.49 -3.26
N GLY B 270 10.64 -25.43 -2.32
CA GLY B 270 11.72 -25.80 -1.44
C GLY B 270 12.32 -24.59 -0.75
N MET B 271 11.49 -23.70 -0.21
CA MET B 271 12.07 -22.46 0.30
C MET B 271 12.41 -22.50 1.79
N GLU B 272 11.73 -23.33 2.58
CA GLU B 272 12.00 -23.50 4.00
C GLU B 272 11.46 -22.36 4.86
N SER B 273 11.32 -21.19 4.26
CA SER B 273 10.86 -20.00 4.97
C SER B 273 9.52 -20.22 5.69
N ALA B 274 9.26 -19.39 6.70
CA ALA B 274 7.98 -19.38 7.41
C ALA B 274 6.86 -18.93 6.48
N GLY B 275 5.62 -19.32 6.78
CA GLY B 275 4.50 -18.95 5.92
C GLY B 275 3.98 -17.55 6.20
N ILE B 276 3.33 -16.92 5.23
CA ILE B 276 2.87 -15.53 5.37
C ILE B 276 2.04 -15.37 6.63
N HIS B 277 1.26 -16.39 6.99
CA HIS B 277 0.57 -16.27 8.27
C HIS B 277 1.56 -16.25 9.42
N GLU B 278 2.63 -17.04 9.29
CA GLU B 278 3.57 -17.15 10.41
C GLU B 278 4.38 -15.87 10.57
N THR B 279 4.88 -15.33 9.48
CA THR B 279 5.61 -14.05 9.56
C THR B 279 4.70 -12.96 10.14
N THR B 280 3.40 -13.04 9.83
CA THR B 280 2.44 -12.06 10.35
C THR B 280 2.39 -12.14 11.88
N TYR B 281 2.21 -13.34 12.42
CA TYR B 281 2.27 -13.57 13.86
C TYR B 281 3.59 -13.07 14.43
N ASN B 282 4.68 -13.54 13.83
CA ASN B 282 6.02 -13.19 14.29
C ASN B 282 6.21 -11.67 14.28
N SER B 283 5.77 -11.02 13.20
CA SER B 283 5.93 -9.57 13.10
C SER B 283 5.26 -8.89 14.29
N ILE B 284 4.05 -9.36 14.59
CA ILE B 284 3.28 -8.77 15.68
C ILE B 284 3.94 -9.03 17.01
N MET B 285 4.57 -10.20 17.17
CA MET B 285 5.18 -10.45 18.48
C MET B 285 6.45 -9.64 18.66
N LYS B 286 7.06 -9.08 17.60
CA LYS B 286 8.19 -8.18 17.84
C LYS B 286 7.72 -6.79 18.29
N CYS B 287 6.41 -6.58 18.37
CA CYS B 287 5.89 -5.25 18.69
C CYS B 287 5.43 -5.20 20.16
N ASP B 288 5.51 -4.01 20.71
CA ASP B 288 5.03 -3.72 22.06
C ASP B 288 3.67 -4.37 22.28
N ILE B 289 3.59 -5.09 23.38
CA ILE B 289 2.40 -5.83 23.75
C ILE B 289 1.17 -4.95 23.73
N ASP B 290 1.31 -3.68 24.11
CA ASP B 290 0.13 -2.83 24.23
C ASP B 290 -0.50 -2.53 22.88
N ILE B 291 0.19 -2.84 21.78
CA ILE B 291 -0.38 -2.43 20.50
C ILE B 291 -0.79 -3.63 19.65
N ARG B 292 -0.60 -4.84 20.17
CA ARG B 292 -0.86 -6.05 19.38
C ARG B 292 -2.31 -6.22 18.98
N LYS B 293 -3.27 -5.90 19.84
CA LYS B 293 -4.68 -5.94 19.49
C LYS B 293 -4.95 -5.18 18.18
N ASP B 294 -4.54 -3.93 18.12
CA ASP B 294 -4.75 -2.98 17.04
C ASP B 294 -4.20 -3.50 15.72
N LEU B 295 -3.09 -4.24 15.86
CA LEU B 295 -2.43 -4.87 14.73
C LEU B 295 -3.28 -6.04 14.21
N TYR B 296 -3.64 -6.93 15.13
CA TYR B 296 -4.46 -8.08 14.81
C TYR B 296 -5.79 -7.68 14.19
N ALA B 297 -6.30 -6.53 14.63
CA ALA B 297 -7.62 -6.14 14.12
C ALA B 297 -7.48 -5.27 12.88
N ASN B 298 -6.26 -5.06 12.39
CA ASN B 298 -6.10 -4.21 11.23
C ASN B 298 -5.03 -4.78 10.30
N ASN B 299 -5.21 -6.02 9.85
CA ASN B 299 -4.30 -6.70 8.91
C ASN B 299 -4.68 -6.39 7.46
N VAL B 300 -3.89 -5.56 6.80
CA VAL B 300 -4.30 -5.04 5.49
C VAL B 300 -3.52 -5.70 4.37
N MET B 301 -4.24 -6.16 3.34
CA MET B 301 -3.48 -6.85 2.28
C MET B 301 -3.29 -5.91 1.10
N SER B 302 -2.14 -6.02 0.46
CA SER B 302 -1.68 -5.12 -0.57
C SER B 302 -0.80 -5.80 -1.60
N GLY B 303 -0.89 -5.45 -2.88
CA GLY B 303 -0.02 -6.05 -3.89
C GLY B 303 -0.69 -7.11 -4.74
N GLY B 304 -0.27 -7.26 -5.99
CA GLY B 304 -0.86 -8.21 -6.90
C GLY B 304 -0.99 -9.62 -6.39
N THR B 305 -0.02 -10.11 -5.63
CA THR B 305 0.00 -11.49 -5.17
C THR B 305 -0.97 -11.73 -4.03
N THR B 306 -1.71 -10.70 -3.60
CA THR B 306 -2.75 -10.94 -2.59
C THR B 306 -4.11 -11.07 -3.28
N MET B 307 -4.14 -11.01 -4.61
CA MET B 307 -5.42 -11.01 -5.31
C MET B 307 -6.13 -12.36 -5.33
N TYR B 308 -5.44 -13.46 -5.04
CA TYR B 308 -6.03 -14.79 -5.03
C TYR B 308 -7.34 -14.87 -4.28
N PRO B 309 -8.37 -15.35 -4.97
CA PRO B 309 -9.65 -15.61 -4.29
C PRO B 309 -9.40 -16.48 -3.06
N GLY B 310 -10.08 -16.21 -1.96
CA GLY B 310 -9.89 -17.02 -0.78
C GLY B 310 -8.69 -16.69 0.08
N ILE B 311 -7.81 -15.74 -0.23
CA ILE B 311 -6.61 -15.64 0.62
C ILE B 311 -6.84 -14.96 1.96
N ALA B 312 -7.81 -14.06 2.04
CA ALA B 312 -8.21 -13.32 3.23
C ALA B 312 -8.91 -14.22 4.23
N ASP B 313 -9.74 -15.11 3.74
CA ASP B 313 -10.42 -16.10 4.56
C ASP B 313 -9.41 -17.07 5.17
N ARG B 314 -8.34 -17.36 4.44
CA ARG B 314 -7.30 -18.30 4.90
C ARG B 314 -6.38 -17.69 5.94
N MET B 315 -5.95 -16.44 5.70
CA MET B 315 -5.07 -15.77 6.65
C MET B 315 -5.78 -15.65 8.01
N GLN B 316 -7.01 -15.18 7.91
CA GLN B 316 -7.96 -15.12 8.99
C GLN B 316 -7.83 -16.38 9.84
N LYS B 317 -8.39 -17.46 9.32
CA LYS B 317 -8.27 -18.78 9.95
C LYS B 317 -6.84 -19.05 10.40
N GLU B 318 -5.85 -18.87 9.51
CA GLU B 318 -4.48 -19.19 9.95
C GLU B 318 -4.02 -18.30 11.09
N ILE B 319 -4.27 -16.99 11.12
CA ILE B 319 -3.71 -16.28 12.29
C ILE B 319 -4.62 -16.41 13.49
N THR B 320 -5.93 -16.71 13.36
CA THR B 320 -6.60 -16.83 14.66
C THR B 320 -6.15 -18.15 15.30
N ALA B 321 -5.71 -19.11 14.49
CA ALA B 321 -5.18 -20.32 15.10
C ALA B 321 -3.98 -19.98 15.98
N LEU B 322 -3.12 -19.13 15.44
CA LEU B 322 -1.88 -18.69 16.06
C LEU B 322 -2.06 -17.76 17.24
N ALA B 323 -3.09 -16.91 17.19
CA ALA B 323 -3.27 -15.92 18.24
C ALA B 323 -4.11 -16.44 19.40
N PRO B 324 -4.09 -15.74 20.53
CA PRO B 324 -4.97 -16.03 21.66
C PRO B 324 -6.44 -15.86 21.28
N SER B 325 -7.23 -16.88 21.52
CA SER B 325 -8.66 -16.99 21.28
C SER B 325 -9.39 -15.66 21.42
N THR B 326 -9.03 -14.90 22.44
CA THR B 326 -9.62 -13.62 22.80
C THR B 326 -9.35 -12.53 21.77
N MET B 327 -8.33 -12.70 20.93
CA MET B 327 -7.91 -11.73 19.95
C MET B 327 -8.92 -11.46 18.86
N LYS B 328 -9.23 -10.19 18.59
CA LYS B 328 -10.15 -9.95 17.47
C LYS B 328 -9.33 -9.78 16.18
N ILE B 329 -9.42 -10.81 15.33
CA ILE B 329 -8.70 -10.81 14.07
C ILE B 329 -9.52 -10.14 12.99
N LYS B 330 -8.88 -9.48 12.04
CA LYS B 330 -9.61 -8.96 10.88
C LYS B 330 -8.68 -8.70 9.71
N ILE B 331 -8.92 -9.41 8.61
CA ILE B 331 -8.16 -9.23 7.38
C ILE B 331 -8.85 -8.27 6.43
N ILE B 332 -8.15 -7.21 6.03
CA ILE B 332 -8.78 -6.24 5.13
C ILE B 332 -8.19 -6.37 3.73
N ALA B 333 -9.04 -6.74 2.76
CA ALA B 333 -8.60 -7.00 1.40
C ALA B 333 -9.37 -6.21 0.35
N PRO B 334 -9.01 -4.95 0.16
CA PRO B 334 -9.71 -4.08 -0.78
C PRO B 334 -9.54 -4.57 -2.23
N PRO B 335 -10.60 -4.46 -3.02
CA PRO B 335 -10.57 -4.93 -4.41
C PRO B 335 -9.46 -4.26 -5.23
N GLU B 336 -9.17 -3.00 -4.95
CA GLU B 336 -8.19 -2.23 -5.67
C GLU B 336 -6.75 -2.40 -5.16
N ARG B 337 -6.49 -3.43 -4.36
CA ARG B 337 -5.23 -3.56 -3.64
C ARG B 337 -4.04 -3.80 -4.57
N LYS B 338 -4.30 -3.97 -5.87
CA LYS B 338 -3.18 -3.98 -6.81
C LYS B 338 -2.57 -2.59 -6.89
N TYR B 339 -3.38 -1.57 -6.60
CA TYR B 339 -2.94 -0.19 -6.75
C TYR B 339 -2.90 0.59 -5.44
N SER B 340 -3.18 -0.06 -4.32
CA SER B 340 -3.22 0.61 -3.02
C SER B 340 -2.05 1.53 -2.73
N VAL B 341 -0.83 1.06 -2.94
CA VAL B 341 0.37 1.87 -2.76
C VAL B 341 0.27 3.14 -3.59
N TRP B 342 0.01 3.01 -4.89
CA TRP B 342 -0.11 4.18 -5.73
C TRP B 342 -1.22 5.10 -5.23
N ILE B 343 -2.34 4.52 -4.84
CA ILE B 343 -3.53 5.30 -4.48
C ILE B 343 -3.26 6.06 -3.20
N GLY B 344 -2.51 5.38 -2.33
CA GLY B 344 -2.08 6.01 -1.08
C GLY B 344 -1.18 7.19 -1.38
N GLY B 345 -0.28 7.03 -2.35
CA GLY B 345 0.54 8.18 -2.71
C GLY B 345 -0.24 9.32 -3.34
N SER B 346 -1.28 8.98 -4.11
CA SER B 346 -2.06 9.96 -4.85
C SER B 346 -2.83 10.85 -3.86
N ILE B 347 -3.30 10.26 -2.78
CA ILE B 347 -3.99 11.00 -1.73
C ILE B 347 -3.00 11.86 -0.97
N LEU B 348 -1.88 11.27 -0.52
CA LEU B 348 -0.88 12.04 0.23
C LEU B 348 -0.41 13.29 -0.51
N ALA B 349 0.02 13.18 -1.75
CA ALA B 349 0.54 14.33 -2.49
C ALA B 349 -0.57 15.29 -2.89
N SER B 350 -1.83 14.92 -2.66
CA SER B 350 -2.91 15.86 -2.98
C SER B 350 -3.32 16.70 -1.78
N LEU B 351 -2.85 16.33 -0.58
CA LEU B 351 -3.31 17.07 0.60
C LEU B 351 -2.78 18.50 0.66
N SER B 352 -3.66 19.41 1.03
CA SER B 352 -3.35 20.82 1.24
C SER B 352 -2.14 20.99 2.15
N THR B 353 -2.01 20.09 3.11
CA THR B 353 -0.95 20.03 4.09
C THR B 353 0.35 19.43 3.56
N PHE B 354 0.37 18.99 2.29
CA PHE B 354 1.61 18.34 1.88
C PHE B 354 2.62 19.31 1.29
N GLN B 355 2.21 20.55 1.02
CA GLN B 355 3.05 21.53 0.32
C GLN B 355 4.44 21.63 0.94
N GLN B 356 4.53 21.52 2.25
CA GLN B 356 5.80 21.73 2.93
C GLN B 356 6.55 20.44 3.25
N MET B 357 5.99 19.29 2.92
CA MET B 357 6.62 18.01 3.18
C MET B 357 7.65 17.71 2.08
N TRP B 358 7.41 18.26 0.92
CA TRP B 358 8.27 18.03 -0.23
C TRP B 358 9.73 18.38 0.02
N ILE B 359 10.64 17.64 -0.60
CA ILE B 359 12.02 18.10 -0.68
C ILE B 359 12.15 19.04 -1.87
N THR B 360 12.49 20.30 -1.65
CA THR B 360 12.63 21.25 -2.75
C THR B 360 13.99 21.18 -3.40
N LYS B 361 14.13 21.68 -4.63
CA LYS B 361 15.47 21.67 -5.24
C LYS B 361 16.42 22.59 -4.46
N GLN B 362 15.90 23.70 -3.97
CA GLN B 362 16.54 24.62 -3.04
C GLN B 362 17.14 23.85 -1.87
N GLU B 363 16.29 23.13 -1.16
CA GLU B 363 16.74 22.32 -0.04
C GLU B 363 17.79 21.32 -0.49
N TYR B 364 17.61 20.74 -1.68
CA TYR B 364 18.61 19.79 -2.16
C TYR B 364 19.96 20.48 -2.36
N ASP B 365 19.93 21.63 -3.02
CA ASP B 365 21.15 22.39 -3.27
C ASP B 365 21.88 22.71 -1.98
N GLU B 366 21.10 22.91 -0.90
CA GLU B 366 21.73 23.25 0.37
C GLU B 366 22.38 22.04 1.00
N ALA B 367 21.72 20.89 0.93
CA ALA B 367 22.21 19.79 1.76
C ALA B 367 22.64 18.57 0.97
N GLY B 368 22.26 18.49 -0.31
CA GLY B 368 22.60 17.27 -1.02
C GLY B 368 21.76 16.08 -0.57
N PRO B 369 21.99 14.96 -1.26
CA PRO B 369 21.15 13.77 -1.12
C PRO B 369 20.95 13.27 0.30
N SER B 370 21.70 13.73 1.30
CA SER B 370 21.41 13.19 2.64
C SER B 370 20.16 13.85 3.22
N ILE B 371 19.71 14.95 2.62
CA ILE B 371 18.45 15.55 3.07
C ILE B 371 17.31 14.54 3.12
N VAL B 372 17.32 13.54 2.25
CA VAL B 372 16.23 12.56 2.24
C VAL B 372 16.04 11.89 3.59
N HIS B 373 17.11 11.59 4.33
CA HIS B 373 16.94 10.89 5.59
C HIS B 373 16.33 11.82 6.66
N ARG B 374 16.17 13.10 6.37
CA ARG B 374 15.63 13.95 7.44
C ARG B 374 14.21 14.35 7.10
N LYS B 375 13.95 14.55 5.81
CA LYS B 375 12.63 14.94 5.34
C LYS B 375 11.75 13.73 5.13
N CYS B 376 12.38 12.59 4.85
CA CYS B 376 11.66 11.40 4.47
C CYS B 376 11.92 10.19 5.32
N PHE B 377 11.31 10.14 6.50
CA PHE B 377 11.41 8.99 7.39
C PHE B 377 11.21 7.68 6.62
#